data_2WG9
#
_entry.id   2WG9
#
_cell.length_a   109.159
_cell.length_b   109.159
_cell.length_c   41.394
_cell.angle_alpha   90.00
_cell.angle_beta   90.00
_cell.angle_gamma   120.00
#
_symmetry.space_group_name_H-M   'P 62'
#
loop_
_entity.id
_entity.type
_entity.pdbx_description
1 polymer 'PUTATIVE PHOSPHOLIPASE A2'
2 non-polymer 'CALCIUM ION'
3 non-polymer 'OCTANOIC ACID (CAPRYLIC ACID)'
4 non-polymer 'SODIUM ION'
5 water water
#
_entity_poly.entity_id   1
_entity_poly.type   'polypeptide(L)'
_entity_poly.pdbx_seq_one_letter_code
;MGLNIGDLLGSTPAKDQGCSRTCESQFCTIAPLLRYGKYCGILYSGCPGERPCDALDACCMVHDHCVDTHNDDYLNTMCN
ENLLSCIDRVSGATFPGNKCNVGQTASVIRGVIETAVFAGKILHKRDDGQ
;
_entity_poly.pdbx_strand_id   A,B
#
# COMPACT_ATOMS: atom_id res chain seq x y z
N ALA A 14 -20.54 -3.19 2.91
CA ALA A 14 -20.04 -2.56 1.64
C ALA A 14 -18.53 -2.32 1.68
N LYS A 15 -17.99 -1.77 0.58
CA LYS A 15 -16.56 -1.55 0.44
C LYS A 15 -16.14 -0.14 0.88
N ASP A 16 -16.97 0.84 0.56
CA ASP A 16 -16.69 2.25 0.86
C ASP A 16 -17.45 2.73 2.11
N GLN A 17 -17.87 1.78 2.95
CA GLN A 17 -18.47 2.07 4.25
C GLN A 17 -17.57 1.55 5.38
N GLY A 18 -17.62 2.21 6.54
CA GLY A 18 -16.87 1.77 7.72
C GLY A 18 -15.36 1.98 7.63
N CYS A 19 -14.98 3.04 6.92
CA CYS A 19 -13.58 3.34 6.63
C CYS A 19 -13.32 4.84 6.72
N SER A 20 -12.04 5.21 6.82
CA SER A 20 -11.68 6.61 7.00
C SER A 20 -11.29 7.32 5.70
N ARG A 21 -11.68 8.58 5.59
CA ARG A 21 -11.20 9.49 4.55
C ARG A 21 -10.50 10.71 5.17
N THR A 22 -10.16 10.60 6.46
CA THR A 22 -9.61 11.70 7.23
CA THR A 22 -9.61 11.70 7.23
C THR A 22 -8.29 11.32 7.91
N CYS A 23 -7.32 12.24 7.88
CA CYS A 23 -6.04 12.02 8.53
C CYS A 23 -6.18 12.25 10.03
N GLU A 24 -6.24 11.16 10.78
CA GLU A 24 -6.43 11.21 12.24
C GLU A 24 -5.11 11.29 13.01
N SER A 25 -5.19 11.72 14.26
CA SER A 25 -4.03 11.68 15.15
C SER A 25 -4.52 11.62 16.60
N GLN A 26 -5.05 10.45 16.96
CA GLN A 26 -5.71 10.20 18.23
C GLN A 26 -5.02 9.06 18.98
N PHE A 27 -4.97 9.17 20.30
CA PHE A 27 -4.34 8.17 21.16
C PHE A 27 -2.97 7.76 20.63
N CYS A 28 -2.16 8.77 20.30
CA CYS A 28 -0.86 8.62 19.64
C CYS A 28 0.05 7.55 20.24
N THR A 29 -0.05 7.34 21.55
CA THR A 29 0.85 6.43 22.26
C THR A 29 0.12 5.25 22.92
N ILE A 30 -1.19 5.15 22.74
CA ILE A 30 -1.99 4.03 23.28
C ILE A 30 -2.31 3.04 22.17
N ALA A 31 -1.56 1.94 22.14
CA ALA A 31 -1.58 0.97 21.05
C ALA A 31 -2.97 0.45 20.64
N PRO A 32 -3.80 0.00 21.61
CA PRO A 32 -5.12 -0.51 21.21
C PRO A 32 -6.08 0.54 20.67
N LEU A 33 -5.84 1.83 20.94
CA LEU A 33 -6.74 2.90 20.54
C LEU A 33 -6.16 3.85 19.48
N LEU A 34 -4.87 3.69 19.19
CA LEU A 34 -4.17 4.52 18.21
CA LEU A 34 -4.18 4.54 18.23
C LEU A 34 -4.94 4.65 16.91
N ARG A 35 -5.11 5.88 16.43
CA ARG A 35 -5.61 6.15 15.08
C ARG A 35 -4.80 7.28 14.47
N TYR A 36 -4.05 6.95 13.43
CA TYR A 36 -3.08 7.85 12.83
C TYR A 36 -3.22 7.77 11.32
N GLY A 37 -3.34 8.93 10.68
CA GLY A 37 -3.58 9.00 9.24
C GLY A 37 -4.93 8.38 8.93
N LYS A 38 -5.04 7.75 7.76
CA LYS A 38 -6.27 7.08 7.35
C LYS A 38 -6.18 5.57 7.59
N TYR A 39 -4.96 5.07 7.86
CA TYR A 39 -4.69 3.62 7.86
C TYR A 39 -4.07 3.02 9.15
N CYS A 40 -3.32 3.80 9.92
CA CYS A 40 -2.62 3.25 11.09
C CYS A 40 -3.53 3.10 12.31
N GLY A 41 -3.75 1.86 12.72
CA GLY A 41 -4.59 1.56 13.87
C GLY A 41 -5.26 0.21 13.71
N ILE A 42 -5.61 -0.39 14.84
CA ILE A 42 -6.27 -1.69 14.84
C ILE A 42 -7.73 -1.52 14.43
N LEU A 43 -8.19 -2.36 13.51
CA LEU A 43 -9.56 -2.25 12.98
C LEU A 43 -9.89 -0.81 12.59
N TYR A 44 -8.96 -0.20 11.86
CA TYR A 44 -9.07 1.16 11.39
C TYR A 44 -8.32 1.25 10.06
N SER A 45 -9.02 1.60 8.99
CA SER A 45 -8.41 1.63 7.65
C SER A 45 -9.08 2.61 6.72
N GLY A 46 -8.38 2.99 5.66
CA GLY A 46 -8.85 4.00 4.72
C GLY A 46 -9.80 3.40 3.70
N CYS A 47 -10.70 4.24 3.20
CA CYS A 47 -11.64 3.83 2.16
C CYS A 47 -10.87 3.55 0.87
N PRO A 48 -11.40 2.65 0.01
CA PRO A 48 -10.69 2.33 -1.24
C PRO A 48 -10.32 3.59 -2.03
N GLY A 49 -9.08 3.64 -2.48
CA GLY A 49 -8.58 4.75 -3.27
C GLY A 49 -7.99 5.91 -2.48
N GLU A 50 -8.21 5.95 -1.16
CA GLU A 50 -7.74 7.06 -0.32
C GLU A 50 -6.23 7.10 -0.20
N ARG A 51 -5.65 8.23 -0.57
CA ARG A 51 -4.21 8.42 -0.47
CA ARG A 51 -4.20 8.40 -0.47
C ARG A 51 -3.79 8.47 1.00
N PRO A 52 -2.67 7.80 1.36
CA PRO A 52 -2.22 7.90 2.75
C PRO A 52 -1.76 9.31 3.06
N CYS A 53 -1.66 9.62 4.35
CA CYS A 53 -1.44 10.99 4.80
C CYS A 53 0.02 11.36 4.91
N ASP A 54 0.88 10.34 5.03
CA ASP A 54 2.33 10.52 5.06
C ASP A 54 2.97 9.14 4.85
N ALA A 55 4.29 9.07 5.02
CA ALA A 55 5.04 7.82 4.79
C ALA A 55 4.65 6.72 5.76
N LEU A 56 4.48 7.07 7.03
CA LEU A 56 4.02 6.11 8.03
C LEU A 56 2.63 5.59 7.70
N ASP A 57 1.73 6.49 7.33
CA ASP A 57 0.37 6.08 6.94
C ASP A 57 0.40 5.13 5.73
N ALA A 58 1.31 5.39 4.79
CA ALA A 58 1.49 4.54 3.62
C ALA A 58 1.95 3.13 4.00
N CYS A 59 2.86 3.02 4.97
CA CYS A 59 3.27 1.72 5.50
C CYS A 59 2.06 0.94 6.00
N CYS A 60 1.20 1.61 6.76
CA CYS A 60 -0.02 0.99 7.28
C CYS A 60 -1.01 0.60 6.19
N MET A 61 -1.16 1.46 5.18
CA MET A 61 -2.01 1.14 4.03
C MET A 61 -1.63 -0.19 3.39
N VAL A 62 -0.34 -0.37 3.11
CA VAL A 62 0.15 -1.64 2.55
C VAL A 62 -0.15 -2.80 3.48
N HIS A 63 0.09 -2.59 4.78
CA HIS A 63 -0.13 -3.65 5.77
C HIS A 63 -1.59 -4.10 5.82
N ASP A 64 -2.52 -3.14 5.86
CA ASP A 64 -3.95 -3.45 5.97
C ASP A 64 -4.43 -4.30 4.81
N HIS A 65 -4.00 -3.93 3.60
CA HIS A 65 -4.35 -4.72 2.43
C HIS A 65 -3.66 -6.08 2.43
N CYS A 66 -2.41 -6.13 2.88
CA CYS A 66 -1.67 -7.39 2.96
C CYS A 66 -2.42 -8.41 3.82
N VAL A 67 -2.90 -7.96 4.98
CA VAL A 67 -3.73 -8.79 5.86
C VAL A 67 -5.04 -9.18 5.15
N ASP A 68 -5.67 -8.20 4.50
CA ASP A 68 -6.94 -8.43 3.79
CA ASP A 68 -6.92 -8.41 3.76
C ASP A 68 -6.82 -9.51 2.72
N THR A 69 -5.67 -9.58 2.05
CA THR A 69 -5.46 -10.50 0.93
C THR A 69 -4.75 -11.80 1.35
N HIS A 70 -4.59 -11.99 2.65
CA HIS A 70 -4.10 -13.25 3.22
C HIS A 70 -5.08 -13.77 4.26
N ASN A 71 -6.35 -13.84 3.87
CA ASN A 71 -7.43 -14.43 4.67
C ASN A 71 -7.62 -13.78 6.04
N ASP A 72 -7.40 -12.46 6.09
CA ASP A 72 -7.45 -11.69 7.34
C ASP A 72 -6.51 -12.20 8.43
N ASP A 73 -5.38 -12.77 8.01
CA ASP A 73 -4.38 -13.30 8.93
C ASP A 73 -3.46 -12.17 9.40
N TYR A 74 -3.85 -11.54 10.52
CA TYR A 74 -3.07 -10.45 11.10
C TYR A 74 -1.73 -10.92 11.68
N LEU A 75 -1.49 -12.23 11.68
CA LEU A 75 -0.21 -12.78 12.09
C LEU A 75 0.64 -13.29 10.91
N ASN A 76 0.20 -12.98 9.68
CA ASN A 76 1.03 -13.28 8.50
C ASN A 76 2.37 -12.59 8.66
N THR A 77 3.44 -13.37 8.58
CA THR A 77 4.78 -12.90 8.91
C THR A 77 5.35 -11.97 7.84
N MET A 78 5.00 -12.21 6.58
CA MET A 78 5.38 -11.30 5.51
CA MET A 78 5.43 -11.26 5.60
C MET A 78 4.77 -9.92 5.71
N CYS A 79 3.45 -9.87 5.92
CA CYS A 79 2.77 -8.59 6.15
C CYS A 79 3.46 -7.81 7.26
N ASN A 80 3.73 -8.49 8.36
CA ASN A 80 4.30 -7.83 9.54
C ASN A 80 5.79 -7.46 9.40
N GLU A 81 6.58 -8.36 8.83
CA GLU A 81 7.99 -8.07 8.56
C GLU A 81 8.16 -6.92 7.56
N ASN A 82 7.32 -6.89 6.52
CA ASN A 82 7.34 -5.78 5.57
C ASN A 82 6.99 -4.45 6.24
N LEU A 83 6.05 -4.48 7.19
CA LEU A 83 5.67 -3.28 7.95
C LEU A 83 6.86 -2.73 8.76
N LEU A 84 7.57 -3.63 9.46
CA LEU A 84 8.76 -3.24 10.22
C LEU A 84 9.83 -2.60 9.32
N SER A 85 10.11 -3.22 8.18
CA SER A 85 11.02 -2.66 7.18
C SER A 85 10.58 -1.27 6.74
N CYS A 86 9.29 -1.12 6.44
CA CYS A 86 8.72 0.16 6.01
C CYS A 86 8.83 1.24 7.10
N ILE A 87 8.38 0.91 8.32
CA ILE A 87 8.49 1.81 9.48
C ILE A 87 9.89 2.36 9.70
N ASP A 88 10.89 1.48 9.60
CA ASP A 88 12.29 1.86 9.81
C ASP A 88 12.80 2.88 8.78
N ARG A 89 12.08 3.03 7.66
CA ARG A 89 12.54 3.87 6.56
C ARG A 89 11.62 5.06 6.29
N VAL A 90 10.80 5.40 7.29
CA VAL A 90 9.84 6.48 7.19
C VAL A 90 10.53 7.85 7.30
N SER A 91 10.22 8.75 6.37
CA SER A 91 10.77 10.10 6.37
C SER A 91 9.88 11.12 5.64
N GLY A 92 10.30 12.38 5.68
CA GLY A 92 9.58 13.46 5.00
C GLY A 92 8.55 14.17 5.86
N ALA A 93 7.80 15.06 5.22
CA ALA A 93 6.78 15.84 5.89
C ALA A 93 5.64 14.95 6.33
N THR A 94 5.03 15.29 7.46
CA THR A 94 3.78 14.66 7.84
C THR A 94 2.64 15.58 7.43
N PHE A 95 1.42 15.14 7.65
CA PHE A 95 0.23 15.91 7.29
C PHE A 95 0.02 17.07 8.25
N PRO A 96 -0.54 18.20 7.74
CA PRO A 96 -0.85 19.30 8.64
C PRO A 96 -1.92 18.92 9.63
N GLY A 97 -1.77 19.39 10.86
CA GLY A 97 -2.73 19.06 11.92
C GLY A 97 -2.46 17.73 12.60
N ASN A 98 -1.33 17.11 12.30
CA ASN A 98 -0.91 15.88 12.97
C ASN A 98 -0.52 16.17 14.43
N LYS A 99 -1.38 15.74 15.35
CA LYS A 99 -1.15 15.96 16.78
C LYS A 99 -0.18 14.93 17.36
N CYS A 100 0.16 13.92 16.56
CA CYS A 100 1.08 12.87 16.98
C CYS A 100 2.51 13.23 16.59
N ASN A 101 3.46 12.59 17.24
CA ASN A 101 4.85 12.63 16.85
C ASN A 101 5.16 11.43 15.97
N VAL A 102 5.68 11.67 14.76
CA VAL A 102 5.90 10.59 13.79
C VAL A 102 6.77 9.45 14.36
N GLY A 103 7.96 9.81 14.84
CA GLY A 103 8.91 8.82 15.36
C GLY A 103 8.38 8.06 16.56
N GLN A 104 7.74 8.80 17.47
CA GLN A 104 7.10 8.21 18.64
C GLN A 104 6.00 7.21 18.28
N THR A 105 5.07 7.61 17.42
CA THR A 105 3.97 6.74 16.99
C THR A 105 4.50 5.51 16.27
N ALA A 106 5.51 5.70 15.42
CA ALA A 106 6.10 4.58 14.69
C ALA A 106 6.71 3.56 15.66
N SER A 107 7.32 4.05 16.75
CA SER A 107 7.93 3.16 17.74
CA SER A 107 7.93 3.17 17.75
C SER A 107 6.87 2.35 18.49
N VAL A 108 5.72 2.96 18.74
CA VAL A 108 4.59 2.27 19.38
C VAL A 108 4.05 1.15 18.47
N ILE A 109 3.86 1.48 17.19
CA ILE A 109 3.43 0.49 16.20
C ILE A 109 4.48 -0.61 16.10
N ARG A 110 5.76 -0.21 16.01
CA ARG A 110 6.86 -1.15 15.86
C ARG A 110 6.89 -2.20 16.97
N GLY A 111 6.72 -1.76 18.22
CA GLY A 111 6.70 -2.67 19.36
C GLY A 111 5.67 -3.78 19.23
N VAL A 112 4.45 -3.41 18.85
CA VAL A 112 3.33 -4.33 18.67
C VAL A 112 3.58 -5.30 17.51
N ILE A 113 4.09 -4.79 16.40
CA ILE A 113 4.33 -5.61 15.21
C ILE A 113 5.47 -6.62 15.40
N GLU A 114 6.51 -6.23 16.14
CA GLU A 114 7.57 -7.15 16.54
C GLU A 114 6.98 -8.38 17.26
N THR A 115 6.08 -8.11 18.20
CA THR A 115 5.39 -9.15 18.95
C THR A 115 4.53 -10.01 18.01
N ALA A 116 3.87 -9.38 17.05
CA ALA A 116 3.07 -10.08 16.03
C ALA A 116 3.94 -11.00 15.17
N VAL A 117 5.12 -10.54 14.79
CA VAL A 117 6.08 -11.35 14.01
C VAL A 117 6.46 -12.60 14.79
N PHE A 118 6.90 -12.42 16.04
CA PHE A 118 7.19 -13.56 16.91
C PHE A 118 6.01 -14.51 17.10
N ALA A 119 4.83 -13.98 17.40
CA ALA A 119 3.62 -14.80 17.54
C ALA A 119 3.34 -15.61 16.28
N GLY A 120 3.49 -14.97 15.12
CA GLY A 120 3.33 -15.64 13.82
C GLY A 120 4.35 -16.75 13.61
N LYS A 121 5.62 -16.46 13.89
CA LYS A 121 6.70 -17.45 13.74
C LYS A 121 6.48 -18.69 14.61
N ILE A 122 6.09 -18.48 15.87
CA ILE A 122 5.80 -19.56 16.81
C ILE A 122 4.70 -20.49 16.32
N LEU A 123 3.58 -19.91 15.89
CA LEU A 123 2.42 -20.66 15.40
C LEU A 123 2.65 -21.37 14.07
N HIS A 124 3.68 -20.95 13.34
CA HIS A 124 4.02 -21.57 12.06
C HIS A 124 5.19 -22.55 12.15
N LYS A 125 5.96 -22.46 13.23
CA LYS A 125 7.01 -23.45 13.55
C LYS A 125 6.39 -24.73 14.07
N ARG A 126 5.10 -24.65 14.40
CA ARG A 126 4.34 -25.78 14.90
C ARG A 126 3.70 -26.56 13.74
N ASP A 127 3.36 -25.85 12.68
CA ASP A 127 2.73 -26.44 11.50
C ASP A 127 3.74 -26.68 10.38
N ALA B 14 19.82 -7.29 -2.43
CA ALA B 14 19.52 -6.07 -1.60
C ALA B 14 18.04 -5.70 -1.66
N LYS B 15 17.58 -4.97 -0.65
CA LYS B 15 16.17 -4.55 -0.55
C LYS B 15 15.99 -3.09 -0.93
N ASP B 16 16.96 -2.26 -0.54
CA ASP B 16 16.92 -0.81 -0.82
C ASP B 16 17.67 -0.44 -2.11
N GLN B 17 17.98 -1.45 -2.93
CA GLN B 17 18.61 -1.26 -4.24
C GLN B 17 17.69 -1.76 -5.37
N GLY B 18 17.89 -1.22 -6.58
CA GLY B 18 17.10 -1.60 -7.76
C GLY B 18 15.67 -1.08 -7.76
N CYS B 19 15.45 0.02 -7.05
CA CYS B 19 14.11 0.55 -6.82
C CYS B 19 14.10 2.06 -6.95
N SER B 20 12.91 2.65 -7.05
CA SER B 20 12.81 4.09 -7.28
C SER B 20 12.59 4.91 -6.01
N ARG B 21 13.25 6.06 -5.94
CA ARG B 21 12.96 7.08 -4.93
C ARG B 21 12.46 8.38 -5.56
N THR B 22 12.11 8.32 -6.84
CA THR B 22 11.74 9.53 -7.57
C THR B 22 10.38 9.40 -8.25
N CYS B 23 9.62 10.49 -8.22
CA CYS B 23 8.32 10.55 -8.87
C CYS B 23 8.51 10.73 -10.39
N GLU B 24 8.32 9.64 -11.14
CA GLU B 24 8.52 9.63 -12.59
C GLU B 24 7.22 9.91 -13.35
N SER B 25 7.36 10.35 -14.60
CA SER B 25 6.20 10.55 -15.47
C SER B 25 6.64 10.32 -16.91
N GLN B 26 6.90 9.05 -17.23
CA GLN B 26 7.54 8.63 -18.47
C GLN B 26 6.68 7.62 -19.19
N PHE B 27 6.62 7.74 -20.52
CA PHE B 27 5.82 6.85 -21.39
C PHE B 27 4.39 6.68 -20.89
N CYS B 28 3.77 7.82 -20.61
CA CYS B 28 2.46 7.91 -19.95
C CYS B 28 1.37 7.05 -20.58
N THR B 29 1.46 6.85 -21.90
CA THR B 29 0.40 6.16 -22.64
C THR B 29 0.87 4.80 -23.16
N ILE B 30 2.13 4.45 -22.90
CA ILE B 30 2.70 3.22 -23.42
C ILE B 30 2.84 2.17 -22.31
N ALA B 31 1.85 1.29 -22.22
CA ALA B 31 1.73 0.35 -21.10
C ALA B 31 3.01 -0.44 -20.76
N PRO B 32 3.70 -1.02 -21.77
CA PRO B 32 4.92 -1.77 -21.45
C PRO B 32 6.07 -0.91 -20.90
N LEU B 33 6.06 0.39 -21.16
CA LEU B 33 7.16 1.28 -20.79
C LEU B 33 6.82 2.32 -19.71
N LEU B 34 5.53 2.45 -19.42
CA LEU B 34 5.03 3.42 -18.45
CA LEU B 34 5.04 3.43 -18.45
C LEU B 34 5.81 3.38 -17.14
N ARG B 35 6.26 4.56 -16.70
CA ARG B 35 6.78 4.74 -15.33
C ARG B 35 6.16 5.99 -14.72
N TYR B 36 5.33 5.80 -13.69
CA TYR B 36 4.55 6.88 -13.11
C TYR B 36 4.72 6.83 -11.60
N GLY B 37 5.08 7.96 -11.01
CA GLY B 37 5.35 8.03 -9.57
C GLY B 37 6.55 7.16 -9.24
N LYS B 38 6.60 6.65 -8.01
CA LYS B 38 7.64 5.71 -7.58
C LYS B 38 7.24 4.24 -7.80
N TYR B 39 5.95 3.99 -8.03
CA TYR B 39 5.43 2.61 -8.01
C TYR B 39 4.75 2.11 -9.28
N CYS B 40 4.13 2.98 -10.07
CA CYS B 40 3.33 2.52 -11.22
C CYS B 40 4.17 2.16 -12.45
N GLY B 41 4.16 0.88 -12.82
CA GLY B 41 4.84 0.38 -14.01
C GLY B 41 5.29 -1.06 -13.86
N ILE B 42 5.46 -1.76 -14.98
CA ILE B 42 5.89 -3.16 -14.95
C ILE B 42 7.37 -3.20 -14.54
N LEU B 43 7.68 -4.05 -13.56
CA LEU B 43 9.05 -4.21 -13.06
C LEU B 43 9.68 -2.84 -12.72
N TYR B 44 8.88 -2.03 -12.03
CA TYR B 44 9.26 -0.72 -11.57
C TYR B 44 8.55 -0.56 -10.24
N SER B 45 9.30 -0.30 -9.18
CA SER B 45 8.69 -0.13 -7.86
C SER B 45 9.53 0.73 -6.94
N GLY B 46 8.89 1.21 -5.87
CA GLY B 46 9.53 2.15 -4.97
C GLY B 46 10.35 1.40 -3.93
N CYS B 47 11.39 2.06 -3.43
CA CYS B 47 12.20 1.48 -2.37
C CYS B 47 11.38 1.37 -1.07
N PRO B 48 11.71 0.39 -0.21
CA PRO B 48 11.01 0.23 1.09
C PRO B 48 10.91 1.54 1.84
N GLY B 49 9.69 1.88 2.28
CA GLY B 49 9.45 3.09 3.05
C GLY B 49 9.14 4.35 2.25
N GLU B 50 9.36 4.31 0.94
CA GLU B 50 9.12 5.48 0.09
C GLU B 50 7.64 5.81 0.01
N ARG B 51 7.29 7.04 0.35
CA ARG B 51 5.91 7.48 0.26
C ARG B 51 5.53 7.57 -1.22
N PRO B 52 4.32 7.11 -1.57
CA PRO B 52 3.84 7.28 -2.94
C PRO B 52 3.66 8.75 -3.29
N CYS B 53 3.64 9.04 -4.58
CA CYS B 53 3.65 10.42 -5.08
C CYS B 53 2.27 11.06 -5.16
N ASP B 54 1.24 10.22 -5.25
CA ASP B 54 -0.15 10.68 -5.28
C ASP B 54 -1.05 9.46 -5.08
N ALA B 55 -2.36 9.63 -5.28
CA ALA B 55 -3.33 8.57 -5.02
C ALA B 55 -3.15 7.38 -5.95
N LEU B 56 -2.97 7.66 -7.24
CA LEU B 56 -2.71 6.59 -8.21
C LEU B 56 -1.45 5.81 -7.88
N ASP B 57 -0.38 6.52 -7.54
CA ASP B 57 0.89 5.88 -7.13
C ASP B 57 0.68 4.98 -5.90
N ALA B 58 -0.13 5.46 -4.97
CA ALA B 58 -0.44 4.67 -3.76
C ALA B 58 -1.14 3.36 -4.10
N CYS B 59 -2.04 3.40 -5.10
CA CYS B 59 -2.70 2.17 -5.59
C CYS B 59 -1.69 1.16 -6.11
N CYS B 60 -0.71 1.64 -6.88
CA CYS B 60 0.35 0.78 -7.42
C CYS B 60 1.23 0.21 -6.33
N MET B 61 1.54 1.03 -5.33
CA MET B 61 2.36 0.58 -4.19
C MET B 61 1.73 -0.63 -3.53
N VAL B 62 0.44 -0.55 -3.22
CA VAL B 62 -0.29 -1.68 -2.63
C VAL B 62 -0.21 -2.90 -3.54
N HIS B 63 -0.46 -2.69 -4.83
CA HIS B 63 -0.43 -3.78 -5.81
C HIS B 63 0.94 -4.48 -5.89
N ASP B 64 2.01 -3.69 -5.95
CA ASP B 64 3.35 -4.25 -6.03
C ASP B 64 3.67 -5.16 -4.84
N HIS B 65 3.30 -4.70 -3.65
CA HIS B 65 3.49 -5.50 -2.45
C HIS B 65 2.58 -6.71 -2.42
N CYS B 66 1.33 -6.54 -2.84
CA CYS B 66 0.40 -7.65 -2.92
C CYS B 66 0.99 -8.79 -3.77
N VAL B 67 1.54 -8.45 -4.92
CA VAL B 67 2.15 -9.43 -5.83
C VAL B 67 3.37 -10.08 -5.16
N ASP B 68 4.19 -9.27 -4.50
CA ASP B 68 5.38 -9.74 -3.80
CA ASP B 68 5.38 -9.73 -3.79
C ASP B 68 5.05 -10.74 -2.69
N THR B 69 3.94 -10.51 -1.98
CA THR B 69 3.53 -11.36 -0.86
C THR B 69 2.60 -12.50 -1.27
N HIS B 70 2.41 -12.67 -2.58
CA HIS B 70 1.65 -13.80 -3.12
C HIS B 70 2.48 -14.57 -4.14
N ASN B 71 3.70 -14.91 -3.74
CA ASN B 71 4.64 -15.70 -4.56
C ASN B 71 4.88 -15.11 -5.95
N ASP B 72 4.97 -13.78 -6.01
CA ASP B 72 5.14 -13.02 -7.27
C ASP B 72 4.14 -13.37 -8.38
N ASP B 73 2.92 -13.72 -7.97
CA ASP B 73 1.84 -14.03 -8.90
C ASP B 73 1.17 -12.76 -9.41
N TYR B 74 1.61 -12.30 -10.58
CA TYR B 74 1.08 -11.08 -11.18
C TYR B 74 -0.34 -11.26 -11.74
N LEU B 75 -0.86 -12.49 -11.64
CA LEU B 75 -2.24 -12.77 -12.01
C LEU B 75 -3.12 -13.13 -10.82
N ASN B 76 -2.63 -12.88 -9.60
CA ASN B 76 -3.47 -13.02 -8.41
C ASN B 76 -4.68 -12.12 -8.56
N THR B 77 -5.86 -12.69 -8.42
CA THR B 77 -7.12 -11.99 -8.72
C THR B 77 -7.47 -10.94 -7.66
N MET B 78 -7.16 -11.22 -6.39
CA MET B 78 -7.32 -10.24 -5.32
C MET B 78 -6.47 -8.99 -5.54
N CYS B 79 -5.17 -9.18 -5.79
CA CYS B 79 -4.24 -8.06 -6.04
C CYS B 79 -4.78 -7.16 -7.15
N ASN B 80 -5.16 -7.79 -8.26
CA ASN B 80 -5.60 -7.05 -9.44
C ASN B 80 -6.98 -6.41 -9.30
N GLU B 81 -7.94 -7.14 -8.71
CA GLU B 81 -9.25 -6.59 -8.43
C GLU B 81 -9.19 -5.42 -7.44
N ASN B 82 -8.32 -5.52 -6.43
CA ASN B 82 -8.16 -4.41 -5.49
C ASN B 82 -7.56 -3.17 -6.17
N LEU B 83 -6.64 -3.38 -7.10
CA LEU B 83 -6.07 -2.28 -7.88
C LEU B 83 -7.12 -1.54 -8.73
N LEU B 84 -8.02 -2.29 -9.36
CA LEU B 84 -9.13 -1.71 -10.12
C LEU B 84 -10.03 -0.87 -9.23
N SER B 85 -10.37 -1.41 -8.05
CA SER B 85 -11.19 -0.69 -7.08
C SER B 85 -10.51 0.59 -6.62
N CYS B 86 -9.19 0.52 -6.41
CA CYS B 86 -8.40 1.68 -5.99
C CYS B 86 -8.33 2.73 -7.11
N ILE B 87 -7.97 2.30 -8.32
CA ILE B 87 -7.91 3.14 -9.52
C ILE B 87 -9.23 3.90 -9.75
N ASP B 88 -10.35 3.19 -9.58
CA ASP B 88 -11.68 3.77 -9.83
C ASP B 88 -12.03 4.91 -8.86
N ARG B 89 -11.31 4.98 -7.74
CA ARG B 89 -11.61 5.97 -6.71
C ARG B 89 -10.51 7.02 -6.53
N VAL B 90 -9.54 7.03 -7.44
CA VAL B 90 -8.41 7.96 -7.39
C VAL B 90 -8.87 9.41 -7.63
N SER B 91 -8.49 10.31 -6.73
CA SER B 91 -8.76 11.74 -6.88
C SER B 91 -7.74 12.59 -6.14
N GLY B 92 -7.85 13.90 -6.29
CA GLY B 92 -6.96 14.84 -5.61
C GLY B 92 -5.83 15.36 -6.47
N ALA B 93 -4.92 16.09 -5.84
CA ALA B 93 -3.77 16.65 -6.54
C ALA B 93 -2.82 15.54 -6.98
N THR B 94 -1.91 15.88 -7.87
CA THR B 94 -0.82 14.98 -8.20
C THR B 94 0.51 15.63 -7.81
N PHE B 95 1.62 14.98 -8.13
CA PHE B 95 2.94 15.50 -7.77
C PHE B 95 3.42 16.59 -8.72
N PRO B 96 4.18 17.56 -8.21
CA PRO B 96 4.69 18.64 -9.05
C PRO B 96 5.57 18.13 -10.18
N GLY B 97 5.40 18.72 -11.37
CA GLY B 97 6.18 18.34 -12.54
C GLY B 97 5.72 17.06 -13.23
N ASN B 98 4.56 16.57 -12.85
CA ASN B 98 3.98 15.36 -13.47
C ASN B 98 3.67 15.61 -14.94
N LYS B 99 4.44 14.97 -15.82
CA LYS B 99 4.24 15.13 -17.27
C LYS B 99 3.03 14.33 -17.77
N CYS B 100 2.58 13.35 -17.00
CA CYS B 100 1.42 12.55 -17.37
C CYS B 100 0.14 13.22 -16.90
N ASN B 101 -0.95 12.89 -17.57
CA ASN B 101 -2.28 13.24 -17.13
C ASN B 101 -2.80 12.08 -16.26
N VAL B 102 -3.22 12.40 -15.03
CA VAL B 102 -3.59 11.38 -14.06
C VAL B 102 -4.64 10.39 -14.58
N GLY B 103 -5.80 10.92 -14.99
CA GLY B 103 -6.89 10.10 -15.51
C GLY B 103 -6.49 9.23 -16.68
N GLN B 104 -5.65 9.77 -17.57
CA GLN B 104 -5.19 9.03 -18.74
C GLN B 104 -4.30 7.84 -18.37
N THR B 105 -3.33 8.08 -17.49
CA THR B 105 -2.43 7.01 -17.05
C THR B 105 -3.19 5.96 -16.27
N ALA B 106 -4.08 6.39 -15.39
CA ALA B 106 -4.93 5.48 -14.62
C ALA B 106 -5.71 4.54 -15.55
N SER B 107 -6.19 5.09 -16.67
CA SER B 107 -6.98 4.32 -17.64
CA SER B 107 -6.98 4.31 -17.62
C SER B 107 -6.16 3.27 -18.38
N VAL B 108 -4.91 3.62 -18.70
CA VAL B 108 -3.95 2.70 -19.35
C VAL B 108 -3.65 1.52 -18.41
N ILE B 109 -3.37 1.84 -17.15
CA ILE B 109 -3.15 0.81 -16.13
C ILE B 109 -4.42 -0.04 -15.96
N ARG B 110 -5.57 0.62 -15.84
CA ARG B 110 -6.85 -0.09 -15.67
C ARG B 110 -7.10 -1.11 -16.77
N GLY B 111 -6.83 -0.73 -18.02
CA GLY B 111 -7.04 -1.63 -19.16
C GLY B 111 -6.21 -2.90 -19.07
N VAL B 112 -4.93 -2.74 -18.73
CA VAL B 112 -4.03 -3.88 -18.59
C VAL B 112 -4.45 -4.79 -17.44
N ILE B 113 -4.87 -4.17 -16.33
CA ILE B 113 -5.27 -4.91 -15.13
C ILE B 113 -6.62 -5.64 -15.30
N GLU B 114 -7.55 -5.03 -16.02
CA GLU B 114 -8.82 -5.70 -16.39
C GLU B 114 -8.51 -7.01 -17.12
N THR B 115 -7.61 -6.91 -18.09
CA THR B 115 -7.15 -8.04 -18.86
C THR B 115 -6.50 -9.08 -17.93
N ALA B 116 -5.73 -8.62 -16.95
CA ALA B 116 -5.05 -9.50 -15.99
C ALA B 116 -6.04 -10.24 -15.10
N VAL B 117 -7.10 -9.55 -14.69
CA VAL B 117 -8.18 -10.17 -13.92
C VAL B 117 -8.84 -11.30 -14.73
N PHE B 118 -9.17 -11.02 -15.98
CA PHE B 118 -9.77 -12.01 -16.89
C PHE B 118 -8.86 -13.21 -17.09
N ALA B 119 -7.59 -12.95 -17.39
CA ALA B 119 -6.60 -14.00 -17.58
C ALA B 119 -6.48 -14.87 -16.33
N GLY B 120 -6.43 -14.22 -15.16
CA GLY B 120 -6.38 -14.92 -13.87
C GLY B 120 -7.58 -15.82 -13.65
N LYS B 121 -8.77 -15.26 -13.84
CA LYS B 121 -10.03 -16.02 -13.69
C LYS B 121 -10.09 -17.22 -14.63
N ILE B 122 -9.81 -16.99 -15.91
CA ILE B 122 -9.75 -18.04 -16.93
C ILE B 122 -8.85 -19.22 -16.54
N LEU B 123 -7.67 -18.91 -15.99
CA LEU B 123 -6.70 -19.92 -15.60
C LEU B 123 -7.03 -20.60 -14.26
N HIS B 124 -7.81 -19.93 -13.42
CA HIS B 124 -8.18 -20.47 -12.10
C HIS B 124 -9.55 -21.16 -12.09
N LYS B 125 -10.14 -21.33 -13.27
CA LYS B 125 -11.40 -22.07 -13.39
C LYS B 125 -11.18 -23.57 -13.55
N ARG B 126 -10.05 -23.94 -14.15
CA ARG B 126 -9.70 -25.35 -14.35
C ARG B 126 -8.81 -25.91 -13.23
N ASP B 127 -8.83 -25.26 -12.06
CA ASP B 127 -8.04 -25.68 -10.91
C ASP B 127 -8.93 -25.95 -9.69
#